data_5ZFZ
#
_entry.id   5ZFZ
#
_cell.length_a   65.013
_cell.length_b   65.013
_cell.length_c   151.661
_cell.angle_alpha   90.00
_cell.angle_beta   90.00
_cell.angle_gamma   120.00
#
_symmetry.space_group_name_H-M   'P 32 2 1'
#
loop_
_entity.id
_entity.type
_entity.pdbx_description
1 polymer 'Double homeobox protein 4-like protein 4'
2 polymer "DNA (5'-D(*CP*CP*AP*CP*TP*AP*AP*CP*CP*TP*AP*TP*TP*CP*AP*CP*AP*CP*C)-3')"
3 polymer "DNA (5'-D(*GP*GP*TP*GP*TP*GP*AP*AP*TP*AP*GP*GP*TP*TP*AP*GP*TP*GP*G)-3')"
4 water water
#
loop_
_entity_poly.entity_id
_entity_poly.type
_entity_poly.pdbx_seq_one_letter_code
_entity_poly.pdbx_strand_id
1 'polypeptide(L)'
;MALPTPSDSTLPAEARGRGRRRRLVWTPSQSEALRACFERNPYPGIATRERLAQAIGIPEPRVQIWFQNERSRQLRQHRR
ESRPWPGRRGPPEGRRKRTAVTGSQTALLLRAFEKDRFPGIAAREELARETGLPESRIQIWFQNRRARH
;
A
2 'polydeoxyribonucleotide' (DC)(DC)(DA)(DC)(DT)(DA)(DA)(DC)(DC)(DT)(DA)(DT)(DT)(DC)(DA)(DC)(DA)(DC)(DC) D
3 'polydeoxyribonucleotide' (DG)(DG)(DT)(DG)(DT)(DG)(DA)(DA)(DT)(DA)(DG)(DG)(DT)(DT)(DA)(DG)(DT)(DG)(DG) E
#
loop_
_chem_comp.id
_chem_comp.type
_chem_comp.name
_chem_comp.formula
DA DNA linking 2'-DEOXYADENOSINE-5'-MONOPHOSPHATE 'C10 H14 N5 O6 P'
DC DNA linking 2'-DEOXYCYTIDINE-5'-MONOPHOSPHATE 'C9 H14 N3 O7 P'
DG DNA linking 2'-DEOXYGUANOSINE-5'-MONOPHOSPHATE 'C10 H14 N5 O7 P'
DT DNA linking THYMIDINE-5'-MONOPHOSPHATE 'C10 H15 N2 O8 P'
#
# COMPACT_ATOMS: atom_id res chain seq x y z
N GLY A 19 2.40 17.13 0.88
CA GLY A 19 3.05 16.49 2.01
C GLY A 19 2.88 14.98 2.05
N ARG A 20 3.97 14.24 2.26
CA ARG A 20 3.90 12.79 2.22
C ARG A 20 4.09 12.22 3.62
N ARG A 21 3.69 10.96 3.80
CA ARG A 21 3.80 10.37 5.12
C ARG A 21 5.28 10.32 5.56
N ARG A 22 5.50 10.26 6.86
CA ARG A 22 6.86 10.29 7.37
C ARG A 22 7.52 8.94 7.14
N ARG A 23 8.69 8.96 6.52
CA ARG A 23 9.37 7.77 6.04
C ARG A 23 9.85 6.91 7.21
N LEU A 24 9.50 5.63 7.20
CA LEU A 24 9.99 4.71 8.22
C LEU A 24 11.46 4.38 8.00
N VAL A 25 12.09 3.88 9.06
CA VAL A 25 13.44 3.34 9.03
C VAL A 25 13.39 1.95 9.63
N TRP A 26 13.79 0.93 8.86
CA TRP A 26 13.71 -0.44 9.35
C TRP A 26 14.74 -0.69 10.44
N THR A 27 14.37 -1.50 11.41
CA THR A 27 15.33 -2.10 12.32
C THR A 27 15.99 -3.29 11.65
N PRO A 28 17.16 -3.72 12.13
CA PRO A 28 17.77 -4.93 11.53
C PRO A 28 16.86 -6.14 11.57
N SER A 29 16.13 -6.33 12.66
CA SER A 29 15.22 -7.46 12.74
C SER A 29 14.09 -7.36 11.71
N GLN A 30 13.60 -6.16 11.47
CA GLN A 30 12.55 -6.02 10.46
C GLN A 30 13.09 -6.28 9.07
N SER A 31 14.26 -5.72 8.74
CA SER A 31 14.86 -5.98 7.43
C SER A 31 15.08 -7.47 7.20
N GLU A 32 15.56 -8.17 8.23
CA GLU A 32 15.81 -9.59 8.05
C GLU A 32 14.54 -10.35 7.74
N ALA A 33 13.47 -10.07 8.48
CA ALA A 33 12.22 -10.77 8.25
C ALA A 33 11.65 -10.48 6.87
N LEU A 34 11.72 -9.21 6.43
CA LEU A 34 11.23 -8.87 5.10
C LEU A 34 11.99 -9.64 4.03
N ARG A 35 13.32 -9.60 4.08
CA ARG A 35 14.15 -10.30 3.09
C ARG A 35 13.93 -11.80 3.12
N ALA A 36 13.81 -12.39 4.31
CA ALA A 36 13.58 -13.85 4.36
C ALA A 36 12.26 -14.22 3.72
N CYS A 37 11.22 -13.42 3.95
CA CYS A 37 9.93 -13.73 3.36
C CYS A 37 9.96 -13.49 1.85
N PHE A 38 10.66 -12.45 1.41
CA PHE A 38 10.83 -12.22 -0.02
C PHE A 38 11.53 -13.41 -0.69
N GLU A 39 12.54 -13.96 -0.03
CA GLU A 39 13.28 -15.09 -0.58
C GLU A 39 12.35 -16.27 -0.80
N ARG A 40 11.42 -16.50 0.13
CA ARG A 40 10.46 -17.60 -0.01
C ARG A 40 9.45 -17.31 -1.12
N ASN A 41 9.01 -16.07 -1.25
CA ASN A 41 8.01 -15.75 -2.26
C ASN A 41 7.95 -14.25 -2.48
N PRO A 42 8.42 -13.75 -3.61
CA PRO A 42 8.41 -12.31 -3.85
C PRO A 42 7.04 -11.73 -4.19
N TYR A 43 6.02 -12.58 -4.32
CA TYR A 43 4.64 -12.21 -4.61
C TYR A 43 3.71 -12.68 -3.50
N PRO A 44 3.85 -12.17 -2.27
CA PRO A 44 2.95 -12.58 -1.20
C PRO A 44 1.53 -12.06 -1.41
N GLY A 45 0.55 -12.85 -0.96
CA GLY A 45 -0.83 -12.44 -0.92
C GLY A 45 -1.13 -11.71 0.37
N ILE A 46 -2.41 -11.32 0.54
CA ILE A 46 -2.75 -10.45 1.66
C ILE A 46 -2.51 -11.15 2.99
N ALA A 47 -2.77 -12.46 3.07
CA ALA A 47 -2.59 -13.17 4.33
C ALA A 47 -1.13 -13.19 4.75
N THR A 48 -0.23 -13.49 3.82
CA THR A 48 1.20 -13.45 4.12
C THR A 48 1.65 -12.05 4.55
N ARG A 49 1.19 -11.02 3.83
CA ARG A 49 1.58 -9.65 4.17
C ARG A 49 1.04 -9.26 5.54
N GLU A 50 -0.20 -9.65 5.88
CA GLU A 50 -0.74 -9.29 7.19
C GLU A 50 0.03 -9.99 8.31
N ARG A 51 0.28 -11.29 8.15
CA ARG A 51 1.06 -12.04 9.15
C ARG A 51 2.45 -11.43 9.34
N LEU A 52 3.16 -11.20 8.23
CA LEU A 52 4.48 -10.58 8.35
C LEU A 52 4.39 -9.20 9.00
N ALA A 53 3.40 -8.40 8.61
CA ALA A 53 3.25 -7.05 9.16
C ALA A 53 3.14 -7.11 10.68
N GLN A 54 2.28 -7.98 11.19
CA GLN A 54 2.08 -8.10 12.63
C GLN A 54 3.30 -8.67 13.33
N ALA A 55 3.97 -9.63 12.70
CA ALA A 55 5.13 -10.25 13.33
C ALA A 55 6.23 -9.25 13.58
N ILE A 56 6.39 -8.25 12.70
CA ILE A 56 7.51 -7.33 12.79
C ILE A 56 7.11 -5.93 13.25
N GLY A 57 5.81 -5.69 13.48
CA GLY A 57 5.34 -4.42 13.99
C GLY A 57 5.33 -3.28 12.98
N ILE A 58 4.91 -3.54 11.76
CA ILE A 58 4.88 -2.51 10.73
C ILE A 58 3.51 -2.58 10.08
N PRO A 59 2.86 -1.46 9.75
CA PRO A 59 1.56 -1.56 9.07
C PRO A 59 1.66 -2.29 7.73
N GLU A 60 0.63 -3.08 7.46
CA GLU A 60 0.64 -3.89 6.23
C GLU A 60 0.85 -3.08 4.95
N PRO A 61 0.31 -1.88 4.76
CA PRO A 61 0.60 -1.15 3.51
C PRO A 61 2.07 -0.85 3.32
N ARG A 62 2.81 -0.61 4.41
CA ARG A 62 4.23 -0.36 4.28
C ARG A 62 4.97 -1.61 3.82
N VAL A 63 4.53 -2.77 4.30
CA VAL A 63 5.06 -4.06 3.83
C VAL A 63 4.79 -4.23 2.35
N GLN A 64 3.58 -3.93 1.91
CA GLN A 64 3.25 -4.11 0.51
C GLN A 64 4.09 -3.19 -0.35
N ILE A 65 4.26 -1.93 0.09
CA ILE A 65 5.12 -0.99 -0.64
C ILE A 65 6.55 -1.51 -0.72
N TRP A 66 7.05 -2.11 0.36
CA TRP A 66 8.41 -2.66 0.36
C TRP A 66 8.55 -3.83 -0.63
N PHE A 67 7.59 -4.75 -0.65
CA PHE A 67 7.67 -5.86 -1.60
C PHE A 67 7.69 -5.33 -3.03
N GLN A 68 6.94 -4.26 -3.30
CA GLN A 68 6.95 -3.67 -4.63
C GLN A 68 8.31 -3.07 -4.94
N ASN A 69 8.90 -2.34 -3.97
CA ASN A 69 10.20 -1.71 -4.21
C ASN A 69 11.28 -2.78 -4.34
N GLU A 70 11.19 -3.83 -3.55
CA GLU A 70 12.23 -4.85 -3.55
C GLU A 70 12.22 -5.66 -4.85
N ARG A 71 11.04 -5.92 -5.42
CA ARG A 71 11.00 -6.56 -6.74
C ARG A 71 11.63 -5.65 -7.79
N SER A 72 11.38 -4.35 -7.68
CA SER A 72 11.97 -3.42 -8.64
C SER A 72 13.49 -3.42 -8.51
N ARG A 73 14.00 -3.49 -7.27
CA ARG A 73 15.44 -3.58 -7.07
C ARG A 73 16.00 -4.89 -7.61
N GLN A 74 15.31 -5.99 -7.39
CA GLN A 74 15.87 -7.28 -7.80
C GLN A 74 15.78 -7.44 -9.32
N LEU A 75 14.67 -7.03 -9.92
CA LEU A 75 14.53 -7.15 -11.38
C LEU A 75 15.54 -6.27 -12.11
N ARG A 76 15.81 -5.07 -11.60
CA ARG A 76 16.77 -4.20 -12.27
C ARG A 76 18.19 -4.75 -12.16
N GLN A 77 18.56 -5.25 -10.97
CA GLN A 77 19.88 -5.85 -10.81
C GLN A 77 20.00 -7.13 -11.63
N HIS A 78 18.97 -7.98 -11.63
CA HIS A 78 18.99 -9.16 -12.50
C HIS A 78 19.05 -8.75 -13.97
N ARG A 79 18.51 -7.58 -14.32
CA ARG A 79 18.46 -7.14 -15.71
C ARG A 79 19.82 -6.77 -16.27
N ARG A 80 20.80 -6.49 -15.41
CA ARG A 80 22.15 -6.15 -15.87
C ARG A 80 23.24 -7.03 -15.30
N GLU A 81 22.91 -8.01 -14.45
CA GLU A 81 23.81 -9.10 -14.12
C GLU A 81 23.56 -10.30 -15.05
N SER A 82 22.31 -10.72 -15.19
CA SER A 82 21.96 -11.77 -16.15
C SER A 82 21.87 -11.18 -17.57
N PRO A 92 -0.04 -18.62 -7.10
CA PRO A 92 -0.48 -17.24 -6.77
C PRO A 92 -1.28 -17.18 -5.47
N GLU A 93 -0.72 -16.52 -4.45
CA GLU A 93 -1.46 -16.36 -3.19
C GLU A 93 -2.61 -15.37 -3.37
N GLY A 94 -3.60 -15.47 -2.47
CA GLY A 94 -4.85 -14.75 -2.68
C GLY A 94 -4.71 -13.26 -2.45
N ARG A 95 -5.38 -12.48 -3.30
CA ARG A 95 -5.39 -11.03 -3.19
C ARG A 95 -6.27 -10.56 -2.03
N ARG A 96 -6.01 -9.32 -1.61
CA ARG A 96 -6.92 -8.64 -0.69
C ARG A 96 -8.34 -8.70 -1.23
N LYS A 97 -9.30 -8.95 -0.33
CA LYS A 97 -10.71 -8.89 -0.71
C LYS A 97 -11.10 -7.49 -1.18
N ARG A 98 -11.95 -7.44 -2.20
CA ARG A 98 -12.38 -6.18 -2.81
C ARG A 98 -13.09 -5.30 -1.79
N THR A 99 -12.55 -4.11 -1.52
CA THR A 99 -13.18 -3.20 -0.58
C THR A 99 -14.52 -2.75 -1.12
N ALA A 100 -15.54 -2.81 -0.28
CA ALA A 100 -16.85 -2.30 -0.65
C ALA A 100 -16.88 -0.79 -0.42
N VAL A 101 -17.33 -0.06 -1.43
CA VAL A 101 -17.44 1.39 -1.34
C VAL A 101 -18.90 1.76 -1.59
N THR A 102 -19.55 2.34 -0.58
CA THR A 102 -20.94 2.70 -0.72
C THR A 102 -21.07 3.89 -1.69
N GLY A 103 -22.30 4.13 -2.12
CA GLY A 103 -22.54 5.34 -2.91
C GLY A 103 -22.22 6.59 -2.13
N SER A 104 -22.44 6.57 -0.81
CA SER A 104 -22.16 7.74 0.01
C SER A 104 -20.66 7.97 0.13
N GLN A 105 -19.88 6.92 0.35
CA GLN A 105 -18.44 7.07 0.39
C GLN A 105 -17.91 7.55 -0.97
N THR A 106 -18.38 6.95 -2.05
CA THR A 106 -17.92 7.35 -3.38
C THR A 106 -18.17 8.82 -3.64
N ALA A 107 -19.38 9.30 -3.33
CA ALA A 107 -19.71 10.70 -3.59
C ALA A 107 -18.80 11.64 -2.80
N LEU A 108 -18.43 11.21 -1.59
CA LEU A 108 -17.53 12.05 -0.79
C LEU A 108 -16.14 12.09 -1.41
N LEU A 109 -15.62 10.94 -1.84
CA LEU A 109 -14.32 10.92 -2.50
C LEU A 109 -14.37 11.70 -3.81
N LEU A 110 -15.45 11.57 -4.56
CA LEU A 110 -15.55 12.29 -5.83
C LEU A 110 -15.49 13.80 -5.62
N ARG A 111 -16.20 14.31 -4.61
CA ARG A 111 -16.13 15.73 -4.32
C ARG A 111 -14.70 16.16 -4.01
N ALA A 112 -13.98 15.36 -3.22
CA ALA A 112 -12.60 15.72 -2.93
C ALA A 112 -11.74 15.65 -4.18
N PHE A 113 -11.97 14.62 -5.01
CA PHE A 113 -11.19 14.44 -6.23
C PHE A 113 -11.33 15.63 -7.17
N GLU A 114 -12.55 16.16 -7.29
CA GLU A 114 -12.79 17.33 -8.13
C GLU A 114 -11.99 18.54 -7.67
N LYS A 115 -11.73 18.67 -6.36
CA LYS A 115 -10.94 19.81 -5.90
C LYS A 115 -9.45 19.57 -6.06
N ASP A 116 -8.99 18.36 -5.77
CA ASP A 116 -7.56 18.07 -5.77
C ASP A 116 -7.36 16.59 -6.03
N ARG A 117 -6.66 16.27 -7.12
CA ARG A 117 -6.45 14.88 -7.51
C ARG A 117 -5.27 14.23 -6.81
N PHE A 118 -4.45 15.01 -6.11
CA PHE A 118 -3.22 14.52 -5.48
C PHE A 118 -3.20 14.86 -3.99
N PRO A 119 -4.18 14.37 -3.22
CA PRO A 119 -4.18 14.69 -1.78
C PRO A 119 -2.95 14.14 -1.09
N GLY A 120 -2.39 14.92 -0.17
CA GLY A 120 -1.30 14.48 0.66
C GLY A 120 -1.80 13.60 1.78
N ILE A 121 -0.87 13.20 2.65
CA ILE A 121 -1.22 12.23 3.69
C ILE A 121 -2.32 12.79 4.58
N ALA A 122 -2.22 14.08 4.94
CA ALA A 122 -3.22 14.63 5.87
C ALA A 122 -4.59 14.69 5.23
N ALA A 123 -4.65 15.09 3.96
CA ALA A 123 -5.93 15.05 3.24
C ALA A 123 -6.46 13.62 3.12
N ARG A 124 -5.58 12.63 2.90
CA ARG A 124 -6.08 11.26 2.79
C ARG A 124 -6.56 10.73 4.13
N GLU A 125 -5.86 11.06 5.21
CA GLU A 125 -6.30 10.66 6.55
C GLU A 125 -7.63 11.32 6.91
N GLU A 126 -7.82 12.57 6.49
CA GLU A 126 -9.14 13.20 6.69
C GLU A 126 -10.22 12.40 5.95
N LEU A 127 -9.94 12.01 4.71
CA LEU A 127 -10.93 11.25 3.96
C LEU A 127 -11.13 9.86 4.55
N ALA A 128 -10.05 9.22 5.01
CA ALA A 128 -10.22 7.95 5.72
C ALA A 128 -11.11 8.12 6.94
N ARG A 129 -10.87 9.18 7.72
CA ARG A 129 -11.72 9.44 8.90
C ARG A 129 -13.17 9.64 8.50
N GLU A 130 -13.41 10.50 7.50
CA GLU A 130 -14.79 10.82 7.14
C GLU A 130 -15.52 9.64 6.51
N THR A 131 -14.82 8.80 5.73
CA THR A 131 -15.47 7.68 5.05
C THR A 131 -15.53 6.41 5.90
N GLY A 132 -14.60 6.24 6.83
CA GLY A 132 -14.47 4.97 7.54
C GLY A 132 -13.63 3.91 6.84
N LEU A 133 -13.12 4.20 5.63
CA LEU A 133 -12.24 3.32 4.87
C LEU A 133 -10.80 3.48 5.32
N PRO A 134 -9.98 2.44 5.18
CA PRO A 134 -8.55 2.58 5.50
C PRO A 134 -7.90 3.59 4.57
N GLU A 135 -6.92 4.33 5.10
CA GLU A 135 -6.23 5.31 4.29
C GLU A 135 -5.55 4.67 3.09
N SER A 136 -5.09 3.41 3.21
CA SER A 136 -4.42 2.80 2.07
C SER A 136 -5.39 2.55 0.93
N ARG A 137 -6.67 2.33 1.24
CA ARG A 137 -7.68 2.17 0.22
C ARG A 137 -8.02 3.50 -0.43
N ILE A 138 -8.00 4.57 0.36
CA ILE A 138 -8.17 5.91 -0.20
C ILE A 138 -7.07 6.17 -1.22
N GLN A 139 -5.83 5.86 -0.86
CA GLN A 139 -4.68 6.06 -1.75
C GLN A 139 -4.88 5.32 -3.07
N ILE A 140 -5.27 4.04 -2.99
CA ILE A 140 -5.55 3.26 -4.20
C ILE A 140 -6.72 3.85 -4.97
N TRP A 141 -7.75 4.31 -4.27
CA TRP A 141 -8.90 4.88 -4.98
C TRP A 141 -8.49 6.05 -5.86
N PHE A 142 -7.60 6.91 -5.34
CA PHE A 142 -7.16 8.09 -6.08
C PHE A 142 -6.24 7.72 -7.23
N GLN A 143 -5.34 6.75 -7.02
CA GLN A 143 -4.51 6.28 -8.13
C GLN A 143 -5.36 5.72 -9.26
N ASN A 144 -6.32 4.85 -8.95
CA ASN A 144 -7.20 4.32 -10.00
C ASN A 144 -7.99 5.44 -10.67
N ARG A 145 -8.58 6.34 -9.88
CA ARG A 145 -9.41 7.39 -10.47
C ARG A 145 -8.60 8.29 -11.40
N ARG A 146 -7.35 8.60 -11.03
CA ARG A 146 -6.54 9.44 -11.90
C ARG A 146 -6.25 8.76 -13.22
N ALA A 147 -6.04 7.44 -13.19
CA ALA A 147 -5.77 6.70 -14.41
C ALA A 147 -6.95 6.67 -15.35
N ARG A 148 -8.17 6.79 -14.84
CA ARG A 148 -9.38 6.57 -15.61
C ARG A 148 -10.22 7.82 -15.85
N HIS A 149 -9.92 8.93 -15.18
CA HIS A 149 -10.70 10.15 -15.31
C HIS A 149 -9.75 11.33 -15.22
#